data_4QGP
#
_entry.id   4QGP
#
_cell.length_a   49.168
_cell.length_b   102.136
_cell.length_c   103.285
_cell.angle_alpha   90.000
_cell.angle_beta   90.000
_cell.angle_gamma   90.000
#
_symmetry.space_group_name_H-M   'I 21 21 21'
#
loop_
_entity.id
_entity.type
_entity.pdbx_description
1 polymer pyrophosphatase
2 non-polymer 'MAGNESIUM ION'
3 non-polymer 'CHLORIDE ION'
4 non-polymer 'TETRAETHYLENE GLYCOL'
5 non-polymer 'TRIETHYLENE GLYCOL'
6 non-polymer 'SODIUM ION'
7 water water
#
_entity_poly.entity_id   1
_entity_poly.type   'polypeptide(L)'
_entity_poly.pdbx_seq_one_letter_code
;(MSE)GSDKIHHHHHH(MSE)EELLDILREFRDSRGWLKYHTPKNLAVSISIEVAELLEIFQWTRSSDEEFEVLERRKGE
VEEEIADVLIYLLFLCDVAEINPIEAVKRK(MSE)EKNERKYPKNRVHEF
;
_entity_poly.pdbx_strand_id   A,B
#
loop_
_chem_comp.id
_chem_comp.type
_chem_comp.name
_chem_comp.formula
CL non-polymer 'CHLORIDE ION' 'Cl -1'
MG non-polymer 'MAGNESIUM ION' 'Mg 2'
NA non-polymer 'SODIUM ION' 'Na 1'
PG4 non-polymer 'TETRAETHYLENE GLYCOL' 'C8 H18 O5'
PGE non-polymer 'TRIETHYLENE GLYCOL' 'C6 H14 O4'
#
# COMPACT_ATOMS: atom_id res chain seq x y z
N LYS A 5 23.85 -22.71 -15.65
CA LYS A 5 23.59 -21.97 -16.93
C LYS A 5 22.10 -21.66 -17.07
N ILE A 6 21.26 -22.38 -16.32
CA ILE A 6 19.82 -22.10 -16.31
C ILE A 6 19.51 -20.94 -15.35
N HIS A 7 18.66 -20.02 -15.80
CA HIS A 7 18.24 -18.92 -14.94
C HIS A 7 16.92 -19.27 -14.24
N HIS A 8 16.85 -18.96 -12.95
CA HIS A 8 15.73 -19.36 -12.10
C HIS A 8 15.23 -18.11 -11.41
N HIS A 9 14.14 -17.54 -11.90
CA HIS A 9 13.62 -16.33 -11.33
C HIS A 9 12.60 -16.68 -10.29
N HIS A 10 12.60 -15.90 -9.20
CA HIS A 10 11.70 -16.13 -8.11
C HIS A 10 10.81 -14.91 -8.04
N HIS A 11 9.51 -15.13 -8.18
CA HIS A 11 8.48 -14.07 -8.15
C HIS A 11 7.84 -13.96 -6.77
N HIS A 12 8.60 -13.44 -5.82
CA HIS A 12 8.17 -13.26 -4.43
C HIS A 12 6.87 -12.45 -4.25
N MSE A 13 6.64 -11.46 -5.11
CA MSE A 13 5.40 -10.67 -5.09
C MSE A 13 4.20 -11.48 -5.55
O MSE A 13 3.10 -11.33 -4.99
CB MSE A 13 5.49 -9.44 -5.99
CG MSE A 13 4.26 -8.56 -5.83
SE MSE A 13 4.57 -7.54 -4.18
CE MSE A 13 5.72 -6.21 -5.05
N GLU A 14 4.41 -12.29 -6.58
CA GLU A 14 3.30 -13.11 -7.07
CA GLU A 14 3.35 -13.16 -7.09
C GLU A 14 2.95 -14.15 -6.02
N GLU A 15 3.96 -14.60 -5.28
CA GLU A 15 3.82 -15.53 -4.16
C GLU A 15 2.99 -14.94 -3.02
N LEU A 16 3.23 -13.67 -2.71
CA LEU A 16 2.47 -12.96 -1.69
C LEU A 16 1.02 -12.81 -2.13
N LEU A 17 0.79 -12.31 -3.35
CA LEU A 17 -0.59 -12.26 -3.86
C LEU A 17 -1.29 -13.61 -3.84
N ASP A 18 -0.56 -14.69 -4.06
CA ASP A 18 -1.19 -16.00 -4.01
C ASP A 18 -1.75 -16.31 -2.62
N ILE A 19 -0.98 -15.97 -1.57
CA ILE A 19 -1.43 -16.13 -0.18
C ILE A 19 -2.74 -15.31 0.01
N LEU A 20 -2.78 -14.10 -0.54
CA LEU A 20 -3.96 -13.20 -0.44
CA LEU A 20 -3.97 -13.22 -0.44
C LEU A 20 -5.16 -13.80 -1.16
N ARG A 21 -4.94 -14.18 -2.42
CA ARG A 21 -5.97 -14.81 -3.26
C ARG A 21 -6.53 -16.06 -2.61
N GLU A 22 -5.66 -16.91 -2.07
CA GLU A 22 -6.09 -18.14 -1.43
CA GLU A 22 -6.10 -18.14 -1.43
C GLU A 22 -7.00 -17.88 -0.22
N PHE A 23 -6.66 -16.89 0.60
CA PHE A 23 -7.47 -16.51 1.78
C PHE A 23 -8.84 -16.07 1.31
N ARG A 24 -8.83 -15.15 0.37
CA ARG A 24 -10.03 -14.58 -0.20
C ARG A 24 -10.97 -15.66 -0.75
N ASP A 25 -10.44 -16.55 -1.59
CA ASP A 25 -11.32 -17.43 -2.33
C ASP A 25 -11.78 -18.64 -1.53
N SER A 26 -11.01 -19.01 -0.50
CA SER A 26 -11.37 -20.08 0.42
CA SER A 26 -11.43 -20.11 0.36
C SER A 26 -12.54 -19.68 1.30
N ARG A 27 -12.73 -18.35 1.44
CA ARG A 27 -13.79 -17.81 2.28
C ARG A 27 -14.99 -17.28 1.48
N GLY A 28 -14.84 -17.27 0.15
CA GLY A 28 -15.90 -16.81 -0.75
C GLY A 28 -16.13 -15.33 -0.59
N TRP A 29 -15.03 -14.58 -0.40
CA TRP A 29 -15.13 -13.14 -0.15
C TRP A 29 -14.90 -12.26 -1.37
N LEU A 30 -14.62 -12.88 -2.52
CA LEU A 30 -14.41 -12.12 -3.76
C LEU A 30 -15.59 -11.20 -4.09
N LYS A 31 -16.81 -11.69 -3.83
CA LYS A 31 -18.04 -11.01 -4.19
C LYS A 31 -18.18 -9.67 -3.48
N TYR A 32 -17.48 -9.54 -2.35
CA TYR A 32 -17.43 -8.29 -1.57
C TYR A 32 -16.38 -7.29 -2.06
N HIS A 33 -15.44 -7.75 -2.88
CA HIS A 33 -14.28 -6.99 -3.28
C HIS A 33 -14.52 -6.10 -4.53
N THR A 34 -15.56 -5.28 -4.47
CA THR A 34 -15.77 -4.25 -5.47
C THR A 34 -14.73 -3.15 -5.30
N PRO A 35 -14.48 -2.37 -6.35
CA PRO A 35 -13.50 -1.30 -6.37
C PRO A 35 -13.74 -0.27 -5.27
N LYS A 36 -14.98 0.14 -5.08
CA LYS A 36 -15.21 1.11 -4.06
C LYS A 36 -15.06 0.49 -2.65
N ASN A 37 -15.57 -0.70 -2.42
CA ASN A 37 -15.43 -1.38 -1.13
C ASN A 37 -13.98 -1.56 -0.68
N LEU A 38 -13.14 -1.94 -1.64
CA LEU A 38 -11.71 -2.02 -1.36
C LEU A 38 -11.08 -0.66 -1.03
N ALA A 39 -11.39 0.36 -1.82
CA ALA A 39 -10.91 1.72 -1.54
C ALA A 39 -11.38 2.24 -0.17
N VAL A 40 -12.65 1.96 0.14
CA VAL A 40 -13.20 2.21 1.48
C VAL A 40 -12.41 1.47 2.58
N SER A 41 -12.05 0.20 2.31
CA SER A 41 -11.28 -0.61 3.30
C SER A 41 -9.86 -0.04 3.53
N ILE A 42 -9.21 0.41 2.45
CA ILE A 42 -7.92 1.14 2.58
C ILE A 42 -8.06 2.41 3.43
N SER A 43 -9.12 3.20 3.18
CA SER A 43 -9.33 4.43 3.95
CA SER A 43 -9.37 4.41 3.94
C SER A 43 -9.45 4.10 5.43
N ILE A 44 -10.24 3.08 5.74
CA ILE A 44 -10.45 2.60 7.11
C ILE A 44 -9.16 2.21 7.80
N GLU A 45 -8.32 1.42 7.10
CA GLU A 45 -7.06 1.04 7.69
C GLU A 45 -6.05 2.16 7.85
N VAL A 46 -5.96 3.13 6.91
CA VAL A 46 -5.00 4.19 7.12
CA VAL A 46 -5.02 4.24 7.10
C VAL A 46 -5.41 5.02 8.35
N ALA A 47 -6.71 5.18 8.55
CA ALA A 47 -7.16 5.82 9.78
C ALA A 47 -6.77 5.02 11.05
N GLU A 48 -6.72 3.68 10.98
CA GLU A 48 -6.23 2.88 12.12
C GLU A 48 -4.77 3.20 12.37
N LEU A 49 -4.00 3.30 11.27
CA LEU A 49 -2.60 3.76 11.35
C LEU A 49 -2.50 5.16 11.93
N LEU A 50 -3.32 6.10 11.44
CA LEU A 50 -3.24 7.49 11.94
C LEU A 50 -3.48 7.61 13.43
N GLU A 51 -4.39 6.77 13.93
CA GLU A 51 -4.84 6.81 15.29
C GLU A 51 -3.68 6.61 16.27
N ILE A 52 -2.67 5.85 15.84
CA ILE A 52 -1.56 5.50 16.71
C ILE A 52 -0.83 6.78 17.07
N PHE A 53 -0.80 7.72 16.13
CA PHE A 53 -0.14 9.00 16.37
C PHE A 53 -1.09 10.15 16.69
N GLN A 54 -2.30 9.85 17.12
CA GLN A 54 -3.36 10.88 17.11
C GLN A 54 -2.95 12.18 17.82
N TRP A 55 -2.52 12.05 19.06
CA TRP A 55 -2.27 13.28 19.86
C TRP A 55 -0.82 13.74 20.00
N THR A 56 0.08 13.19 19.17
CA THR A 56 1.49 13.59 19.25
C THR A 56 1.63 15.10 18.97
N ARG A 57 2.60 15.73 19.63
CA ARG A 57 2.76 17.17 19.43
C ARG A 57 4.13 17.62 18.95
N SER A 58 4.98 16.66 18.58
CA SER A 58 6.26 16.98 18.00
C SER A 58 6.78 15.79 17.20
N SER A 59 7.64 16.08 16.23
CA SER A 59 8.31 15.04 15.46
CA SER A 59 8.30 15.04 15.46
C SER A 59 9.03 14.09 16.41
N ASP A 60 9.75 14.67 17.36
CA ASP A 60 10.49 13.95 18.40
C ASP A 60 9.55 12.93 19.03
N GLU A 61 8.36 13.38 19.44
CA GLU A 61 7.38 12.49 20.05
C GLU A 61 6.84 11.37 19.13
N GLU A 62 6.70 11.63 17.84
CA GLU A 62 6.18 10.61 16.93
C GLU A 62 7.12 9.41 16.87
N PHE A 63 8.43 9.66 16.96
CA PHE A 63 9.41 8.54 16.91
C PHE A 63 9.42 7.74 18.20
N GLU A 64 9.05 8.39 19.30
CA GLU A 64 8.95 7.70 20.58
C GLU A 64 7.73 6.80 20.57
N VAL A 65 6.64 7.31 19.98
CA VAL A 65 5.42 6.54 19.83
C VAL A 65 5.62 5.40 18.84
N LEU A 66 6.31 5.70 17.74
CA LEU A 66 6.60 4.70 16.72
C LEU A 66 7.46 3.56 17.33
N GLU A 67 8.51 3.92 18.07
CA GLU A 67 9.31 2.91 18.78
C GLU A 67 8.47 2.10 19.78
N ARG A 68 7.65 2.80 20.58
CA ARG A 68 6.83 2.15 21.63
C ARG A 68 5.67 1.28 21.12
N ARG A 69 5.09 1.65 19.98
CA ARG A 69 3.93 0.96 19.48
C ARG A 69 4.18 0.37 18.11
N LYS A 70 5.43 0.00 17.88
CA LYS A 70 5.87 -0.49 16.58
C LYS A 70 5.01 -1.62 16.02
N GLY A 71 4.65 -2.57 16.88
CA GLY A 71 3.78 -3.66 16.47
C GLY A 71 2.44 -3.23 15.93
N GLU A 72 1.80 -2.24 16.57
CA GLU A 72 0.53 -1.76 16.05
C GLU A 72 0.72 -1.08 14.69
N VAL A 73 1.86 -0.39 14.52
CA VAL A 73 2.16 0.35 13.28
C VAL A 73 2.37 -0.67 12.17
N GLU A 74 3.09 -1.73 12.50
CA GLU A 74 3.32 -2.80 11.58
C GLU A 74 2.01 -3.45 11.08
N GLU A 75 1.06 -3.70 12.00
CA GLU A 75 -0.24 -4.26 11.65
C GLU A 75 -1.03 -3.41 10.69
N GLU A 76 -1.03 -2.10 10.92
CA GLU A 76 -1.87 -1.22 10.12
C GLU A 76 -1.27 -0.98 8.75
N ILE A 77 0.05 -0.90 8.69
CA ILE A 77 0.75 -0.95 7.41
C ILE A 77 0.34 -2.20 6.63
N ALA A 78 0.32 -3.36 7.31
CA ALA A 78 -0.05 -4.62 6.65
C ALA A 78 -1.49 -4.53 6.14
N ASP A 79 -2.38 -3.98 6.95
CA ASP A 79 -3.79 -3.87 6.56
C ASP A 79 -3.99 -2.98 5.32
N VAL A 80 -3.30 -1.84 5.30
CA VAL A 80 -3.35 -0.95 4.14
C VAL A 80 -2.89 -1.66 2.87
N LEU A 81 -1.73 -2.27 2.96
CA LEU A 81 -1.15 -2.95 1.80
C LEU A 81 -2.00 -4.16 1.34
N ILE A 82 -2.44 -5.00 2.27
CA ILE A 82 -3.41 -6.08 1.94
C ILE A 82 -4.56 -5.59 1.04
N TYR A 83 -5.32 -4.62 1.53
CA TYR A 83 -6.42 -4.13 0.72
C TYR A 83 -5.98 -3.42 -0.55
N LEU A 84 -4.82 -2.79 -0.54
CA LEU A 84 -4.32 -2.20 -1.79
CA LEU A 84 -4.29 -2.19 -1.78
C LEU A 84 -4.02 -3.29 -2.82
N LEU A 85 -3.44 -4.39 -2.37
CA LEU A 85 -3.13 -5.49 -3.28
C LEU A 85 -4.37 -6.22 -3.78
N PHE A 86 -5.35 -6.41 -2.90
CA PHE A 86 -6.67 -6.90 -3.31
C PHE A 86 -7.29 -6.05 -4.42
N LEU A 87 -7.23 -4.73 -4.25
CA LEU A 87 -7.69 -3.79 -5.33
C LEU A 87 -6.90 -3.95 -6.63
N CYS A 88 -5.58 -3.96 -6.53
CA CYS A 88 -4.75 -4.28 -7.69
C CYS A 88 -5.21 -5.54 -8.43
N ASP A 89 -5.57 -6.59 -7.70
CA ASP A 89 -6.04 -7.83 -8.35
C ASP A 89 -7.34 -7.64 -9.13
N VAL A 90 -8.36 -7.07 -8.49
CA VAL A 90 -9.65 -6.90 -9.16
C VAL A 90 -9.53 -5.94 -10.35
N ALA A 91 -8.59 -4.98 -10.27
CA ALA A 91 -8.43 -3.94 -11.30
C ALA A 91 -7.38 -4.30 -12.32
N GLU A 92 -6.69 -5.41 -12.09
CA GLU A 92 -5.58 -5.85 -12.96
C GLU A 92 -4.56 -4.71 -13.14
N ILE A 93 -4.11 -4.17 -12.02
CA ILE A 93 -3.10 -3.11 -12.01
C ILE A 93 -1.85 -3.67 -11.37
N ASN A 94 -0.72 -3.40 -11.98
CA ASN A 94 0.55 -3.81 -11.43
C ASN A 94 1.07 -2.67 -10.59
N PRO A 95 1.08 -2.82 -9.27
CA PRO A 95 1.42 -1.64 -8.44
C PRO A 95 2.91 -1.26 -8.51
N ILE A 96 3.77 -2.22 -8.86
CA ILE A 96 5.20 -1.90 -9.05
C ILE A 96 5.35 -1.04 -10.31
N GLU A 97 4.66 -1.41 -11.38
CA GLU A 97 4.68 -0.60 -12.59
C GLU A 97 4.09 0.78 -12.40
N ALA A 98 2.99 0.84 -11.64
CA ALA A 98 2.33 2.11 -11.35
C ALA A 98 3.25 3.07 -10.62
N VAL A 99 3.93 2.58 -9.58
CA VAL A 99 4.94 3.39 -8.87
C VAL A 99 6.06 3.91 -9.77
N LYS A 100 6.65 3.03 -10.58
CA LYS A 100 7.71 3.43 -11.47
C LYS A 100 7.24 4.53 -12.43
N ARG A 101 6.01 4.38 -12.92
CA ARG A 101 5.43 5.34 -13.87
C ARG A 101 5.19 6.66 -13.15
N LYS A 102 4.60 6.57 -11.96
CA LYS A 102 4.35 7.80 -11.20
C LYS A 102 5.65 8.52 -10.83
N MSE A 103 6.69 7.77 -10.43
CA MSE A 103 7.97 8.41 -10.06
C MSE A 103 8.58 9.10 -11.26
O MSE A 103 9.14 10.19 -11.12
CB MSE A 103 8.96 7.48 -9.43
CG MSE A 103 8.48 6.97 -8.06
SE MSE A 103 8.08 8.34 -6.71
CE MSE A 103 9.89 9.08 -6.68
N GLU A 104 8.49 8.48 -12.43
CA GLU A 104 8.90 9.12 -13.69
C GLU A 104 8.20 10.46 -13.94
N LYS A 105 6.90 10.50 -13.66
CA LYS A 105 6.13 11.75 -13.75
C LYS A 105 6.62 12.77 -12.70
N ASN A 106 6.75 12.29 -11.46
CA ASN A 106 7.31 13.09 -10.37
C ASN A 106 8.68 13.70 -10.71
N GLU A 107 9.49 12.98 -11.49
CA GLU A 107 10.80 13.51 -11.93
C GLU A 107 10.68 14.77 -12.77
N ARG A 108 9.70 14.75 -13.69
CA ARG A 108 9.46 15.84 -14.61
C ARG A 108 8.77 17.00 -13.90
N LYS A 109 7.93 16.73 -12.90
CA LYS A 109 7.26 17.83 -12.21
C LYS A 109 8.19 18.53 -11.22
N TYR A 110 9.02 17.75 -10.55
CA TYR A 110 9.95 18.28 -9.56
C TYR A 110 11.39 18.00 -9.99
N PRO A 111 11.92 18.77 -10.99
CA PRO A 111 13.23 18.51 -11.58
C PRO A 111 14.39 18.87 -10.64
N LYS A 112 15.53 18.20 -10.84
CA LYS A 112 16.75 18.46 -10.08
C LYS A 112 17.37 19.79 -10.50
N ILE B 6 21.65 -20.12 -12.03
CA ILE B 6 21.56 -18.66 -11.72
C ILE B 6 20.19 -18.30 -11.17
N HIS B 7 20.20 -17.77 -9.95
CA HIS B 7 19.01 -17.49 -9.17
C HIS B 7 18.76 -15.99 -9.06
N HIS B 8 17.57 -15.55 -9.47
CA HIS B 8 17.18 -14.13 -9.41
C HIS B 8 16.05 -13.93 -8.40
N HIS B 9 16.32 -13.23 -7.30
CA HIS B 9 15.31 -13.05 -6.26
C HIS B 9 14.71 -11.66 -6.37
N HIS B 10 13.54 -11.59 -6.99
CA HIS B 10 12.95 -10.29 -7.28
C HIS B 10 12.26 -9.84 -6.03
N HIS B 11 12.83 -8.80 -5.41
CA HIS B 11 12.23 -8.13 -4.27
C HIS B 11 11.77 -6.71 -4.70
N HIS B 12 10.56 -6.63 -5.23
CA HIS B 12 10.12 -5.47 -5.99
C HIS B 12 9.91 -4.24 -5.10
N MSE B 13 9.57 -4.44 -3.83
CA MSE B 13 9.34 -3.26 -2.95
C MSE B 13 10.64 -2.70 -2.49
O MSE B 13 10.77 -1.50 -2.25
CB MSE B 13 8.52 -3.64 -1.73
CG MSE B 13 7.31 -4.39 -2.22
SE MSE B 13 5.95 -3.05 -2.61
CE MSE B 13 4.55 -4.23 -1.89
N GLU B 14 11.61 -3.59 -2.34
CA GLU B 14 12.95 -3.23 -1.98
C GLU B 14 13.54 -2.39 -3.12
N GLU B 15 13.30 -2.84 -4.36
CA GLU B 15 13.79 -2.14 -5.55
C GLU B 15 13.13 -0.79 -5.75
N LEU B 16 11.81 -0.74 -5.52
CA LEU B 16 11.06 0.51 -5.55
C LEU B 16 11.62 1.51 -4.56
N LEU B 17 11.86 1.05 -3.33
CA LEU B 17 12.42 1.90 -2.30
C LEU B 17 13.73 2.59 -2.72
N ASP B 18 14.57 1.94 -3.51
CA ASP B 18 15.82 2.58 -3.95
C ASP B 18 15.51 3.80 -4.86
N ILE B 19 14.50 3.65 -5.72
CA ILE B 19 14.10 4.74 -6.64
C ILE B 19 13.53 5.88 -5.78
N LEU B 20 12.79 5.49 -4.75
CA LEU B 20 12.13 6.44 -3.83
CA LEU B 20 12.13 6.46 -3.86
C LEU B 20 13.14 7.25 -3.00
N ARG B 21 14.11 6.56 -2.42
CA ARG B 21 15.17 7.15 -1.63
C ARG B 21 15.98 8.13 -2.45
N GLU B 22 16.33 7.77 -3.68
CA GLU B 22 17.06 8.65 -4.59
CA GLU B 22 17.06 8.65 -4.59
C GLU B 22 16.30 9.94 -4.81
N PHE B 23 15.01 9.82 -5.09
CA PHE B 23 14.19 11.00 -5.28
C PHE B 23 14.13 11.90 -4.05
N ARG B 24 13.83 11.31 -2.91
CA ARG B 24 13.69 12.04 -1.66
C ARG B 24 14.97 12.76 -1.32
N ASP B 25 16.10 12.07 -1.48
CA ASP B 25 17.36 12.57 -0.95
C ASP B 25 18.03 13.56 -1.87
N SER B 26 17.88 13.36 -3.18
CA SER B 26 18.35 14.34 -4.18
CA SER B 26 18.38 14.35 -4.15
C SER B 26 17.70 15.71 -3.98
N ARG B 27 16.49 15.68 -3.40
CA ARG B 27 15.73 16.90 -3.10
C ARG B 27 15.79 17.39 -1.66
N GLY B 28 16.36 16.59 -0.77
CA GLY B 28 16.44 16.93 0.64
C GLY B 28 15.10 16.98 1.35
N TRP B 29 14.21 16.03 1.05
CA TRP B 29 12.88 16.01 1.63
C TRP B 29 12.71 14.99 2.74
N LEU B 30 13.78 14.26 3.06
CA LEU B 30 13.75 13.34 4.21
C LEU B 30 13.33 14.04 5.51
N LYS B 31 13.82 15.26 5.73
CA LYS B 31 13.44 16.05 6.90
C LYS B 31 11.92 16.22 7.05
N TYR B 32 11.13 16.06 5.98
CA TYR B 32 9.65 16.22 6.11
C TYR B 32 8.97 14.88 6.45
N HIS B 33 9.67 13.76 6.19
CA HIS B 33 9.09 12.44 6.37
C HIS B 33 8.99 11.94 7.83
N THR B 34 8.26 12.68 8.67
CA THR B 34 7.98 12.22 10.03
C THR B 34 6.92 11.16 9.86
N PRO B 35 6.79 10.25 10.84
CA PRO B 35 5.85 9.15 10.81
C PRO B 35 4.42 9.63 10.58
N LYS B 36 4.02 10.64 11.33
CA LYS B 36 2.70 11.17 11.20
C LYS B 36 2.46 11.92 9.88
N ASN B 37 3.47 12.64 9.37
CA ASN B 37 3.34 13.33 8.04
C ASN B 37 3.15 12.31 6.91
N LEU B 38 3.88 11.19 6.99
CA LEU B 38 3.70 10.13 6.00
C LEU B 38 2.33 9.42 6.15
N ALA B 39 1.91 9.11 7.38
CA ALA B 39 0.57 8.54 7.58
C ALA B 39 -0.52 9.50 7.04
N VAL B 40 -0.33 10.80 7.30
CA VAL B 40 -1.27 11.83 6.81
C VAL B 40 -1.21 11.87 5.29
N SER B 41 -0.02 11.76 4.69
CA SER B 41 0.10 11.66 3.23
C SER B 41 -0.59 10.45 2.64
N ILE B 42 -0.59 9.32 3.35
CA ILE B 42 -1.29 8.12 2.88
C ILE B 42 -2.78 8.44 2.93
N SER B 43 -3.23 9.05 4.02
CA SER B 43 -4.64 9.36 4.18
C SER B 43 -5.10 10.21 3.01
N ILE B 44 -4.28 11.20 2.66
CA ILE B 44 -4.62 12.08 1.54
C ILE B 44 -4.74 11.35 0.21
N GLU B 45 -3.80 10.44 -0.07
CA GLU B 45 -3.84 9.79 -1.35
C GLU B 45 -4.99 8.76 -1.53
N VAL B 46 -5.30 8.02 -0.44
CA VAL B 46 -6.43 7.10 -0.49
CA VAL B 46 -6.45 7.10 -0.40
C VAL B 46 -7.76 7.86 -0.66
N ALA B 47 -7.86 9.07 -0.09
CA ALA B 47 -8.99 9.93 -0.43
C ALA B 47 -9.04 10.29 -1.94
N GLU B 48 -7.89 10.52 -2.55
CA GLU B 48 -7.84 10.79 -4.02
C GLU B 48 -8.35 9.58 -4.81
N LEU B 49 -8.03 8.38 -4.32
CA LEU B 49 -8.50 7.12 -4.89
C LEU B 49 -10.03 7.03 -4.76
N LEU B 50 -10.53 7.18 -3.54
CA LEU B 50 -11.97 7.14 -3.26
C LEU B 50 -12.81 8.12 -4.10
N GLU B 51 -12.27 9.31 -4.33
CA GLU B 51 -12.97 10.36 -5.10
C GLU B 51 -13.38 9.94 -6.52
N ILE B 52 -12.51 9.19 -7.18
CA ILE B 52 -12.83 8.58 -8.47
C ILE B 52 -14.15 7.83 -8.45
N PHE B 53 -14.52 7.19 -7.35
CA PHE B 53 -15.76 6.46 -7.25
C PHE B 53 -16.81 7.19 -6.43
N GLN B 54 -16.62 8.49 -6.20
CA GLN B 54 -17.40 9.17 -5.18
C GLN B 54 -18.91 8.85 -5.28
N TRP B 55 -19.49 9.05 -6.45
CA TRP B 55 -20.97 9.04 -6.52
C TRP B 55 -21.61 7.80 -7.19
N THR B 56 -20.82 6.73 -7.36
CA THR B 56 -21.36 5.51 -7.93
C THR B 56 -22.47 4.99 -7.04
N ARG B 57 -23.44 4.33 -7.67
CA ARG B 57 -24.64 3.79 -7.01
C ARG B 57 -24.81 2.26 -7.18
N SER B 58 -23.82 1.59 -7.72
CA SER B 58 -23.93 0.13 -7.86
C SER B 58 -22.57 -0.48 -8.07
N SER B 59 -22.43 -1.75 -7.70
CA SER B 59 -21.21 -2.49 -7.98
CA SER B 59 -21.22 -2.49 -7.99
C SER B 59 -20.96 -2.47 -9.49
N ASP B 60 -22.03 -2.61 -10.26
CA ASP B 60 -21.93 -2.57 -11.71
C ASP B 60 -21.27 -1.28 -12.20
N GLU B 61 -21.74 -0.15 -11.70
CA GLU B 61 -21.19 1.15 -12.11
C GLU B 61 -19.73 1.34 -11.67
N GLU B 62 -19.37 0.77 -10.53
CA GLU B 62 -18.04 0.90 -10.02
C GLU B 62 -17.03 0.30 -11.01
N PHE B 63 -17.39 -0.83 -11.63
CA PHE B 63 -16.46 -1.46 -12.57
C PHE B 63 -16.42 -0.69 -13.91
N GLU B 64 -17.48 0.06 -14.19
CA GLU B 64 -17.51 0.87 -15.40
C GLU B 64 -16.60 2.08 -15.27
N VAL B 65 -16.65 2.74 -14.10
CA VAL B 65 -15.79 3.86 -13.73
C VAL B 65 -14.31 3.41 -13.70
N LEU B 66 -14.05 2.25 -13.10
CA LEU B 66 -12.71 1.66 -13.13
C LEU B 66 -12.15 1.53 -14.54
N GLU B 67 -12.96 1.01 -15.47
CA GLU B 67 -12.47 0.76 -16.81
C GLU B 67 -12.18 2.11 -17.49
N ARG B 68 -13.10 3.06 -17.34
CA ARG B 68 -13.02 4.37 -18.02
C ARG B 68 -11.91 5.28 -17.44
N ARG B 69 -11.63 5.10 -16.17
CA ARG B 69 -10.69 5.98 -15.47
C ARG B 69 -9.58 5.14 -14.86
N LYS B 70 -9.28 4.02 -15.52
CA LYS B 70 -8.15 3.15 -15.19
C LYS B 70 -6.87 3.89 -14.80
N GLY B 71 -6.48 4.87 -15.62
CA GLY B 71 -5.25 5.65 -15.41
C GLY B 71 -5.22 6.40 -14.09
N GLU B 72 -6.37 6.98 -13.72
CA GLU B 72 -6.50 7.72 -12.51
C GLU B 72 -6.38 6.80 -11.32
N VAL B 73 -6.99 5.62 -11.43
CA VAL B 73 -6.97 4.63 -10.33
C VAL B 73 -5.51 4.17 -10.11
N GLU B 74 -4.85 3.83 -11.21
CA GLU B 74 -3.44 3.43 -11.21
C GLU B 74 -2.55 4.45 -10.49
N GLU B 75 -2.73 5.73 -10.83
CA GLU B 75 -1.96 6.82 -10.19
C GLU B 75 -2.16 6.97 -8.68
N GLU B 76 -3.40 6.89 -8.23
CA GLU B 76 -3.67 6.97 -6.83
C GLU B 76 -3.21 5.71 -6.08
N ILE B 77 -3.30 4.54 -6.71
CA ILE B 77 -2.74 3.34 -6.07
C ILE B 77 -1.23 3.53 -5.89
N ALA B 78 -0.59 4.06 -6.94
CA ALA B 78 0.86 4.34 -6.91
C ALA B 78 1.16 5.33 -5.79
N ASP B 79 0.30 6.32 -5.62
CA ASP B 79 0.52 7.37 -4.62
C ASP B 79 0.48 6.81 -3.24
N VAL B 80 -0.55 6.01 -2.97
CA VAL B 80 -0.74 5.33 -1.67
C VAL B 80 0.50 4.48 -1.35
N LEU B 81 0.90 3.63 -2.29
CA LEU B 81 2.13 2.85 -2.18
C LEU B 81 3.46 3.59 -1.88
N ILE B 82 3.78 4.63 -2.67
CA ILE B 82 4.94 5.48 -2.43
C ILE B 82 5.02 5.98 -1.00
N TYR B 83 3.94 6.55 -0.49
CA TYR B 83 3.98 7.00 0.88
C TYR B 83 4.06 5.86 1.91
N LEU B 84 3.42 4.73 1.63
CA LEU B 84 3.49 3.59 2.57
C LEU B 84 4.96 3.11 2.60
N LEU B 85 5.63 3.15 1.45
CA LEU B 85 7.05 2.69 1.37
C LEU B 85 8.02 3.69 2.03
N PHE B 86 7.78 4.99 1.83
CA PHE B 86 8.51 6.02 2.59
C PHE B 86 8.35 5.85 4.10
N LEU B 87 7.13 5.43 4.52
CA LEU B 87 6.81 5.16 5.92
C LEU B 87 7.57 3.94 6.43
N CYS B 88 7.59 2.88 5.63
CA CYS B 88 8.36 1.68 5.96
C CYS B 88 9.87 1.96 6.08
N ASP B 89 10.41 2.84 5.22
CA ASP B 89 11.76 3.33 5.37
C ASP B 89 12.00 3.96 6.75
N VAL B 90 11.16 4.91 7.17
CA VAL B 90 11.50 5.65 8.36
C VAL B 90 11.24 4.82 9.62
N ALA B 91 10.36 3.84 9.50
CA ALA B 91 9.92 3.05 10.63
C ALA B 91 10.74 1.79 10.72
N GLU B 92 11.57 1.54 9.71
CA GLU B 92 12.31 0.29 9.58
C GLU B 92 11.37 -0.92 9.73
N ILE B 93 10.36 -0.94 8.86
CA ILE B 93 9.39 -2.04 8.75
C ILE B 93 9.49 -2.69 7.37
N ASN B 94 9.48 -4.02 7.35
CA ASN B 94 9.44 -4.77 6.10
C ASN B 94 7.98 -5.05 5.71
N PRO B 95 7.46 -4.37 4.65
CA PRO B 95 6.01 -4.43 4.47
C PRO B 95 5.51 -5.83 4.05
N ILE B 96 6.36 -6.59 3.37
CA ILE B 96 6.04 -7.93 2.87
C ILE B 96 5.90 -8.89 4.06
N GLU B 97 6.87 -8.83 4.96
CA GLU B 97 6.79 -9.62 6.16
C GLU B 97 5.59 -9.18 7.02
N ALA B 98 5.33 -7.87 7.08
CA ALA B 98 4.13 -7.37 7.80
C ALA B 98 2.88 -8.07 7.28
N VAL B 99 2.75 -8.09 5.95
CA VAL B 99 1.55 -8.67 5.29
C VAL B 99 1.44 -10.17 5.61
N LYS B 100 2.57 -10.87 5.51
CA LYS B 100 2.58 -12.30 5.76
C LYS B 100 2.13 -12.64 7.19
N ARG B 101 2.64 -11.89 8.18
CA ARG B 101 2.30 -12.10 9.59
C ARG B 101 0.83 -11.76 9.85
N LYS B 102 0.34 -10.68 9.27
CA LYS B 102 -1.08 -10.35 9.48
C LYS B 102 -2.00 -11.42 8.86
N MSE B 103 -1.64 -11.93 7.67
CA MSE B 103 -2.41 -12.98 6.96
C MSE B 103 -2.42 -14.26 7.78
O MSE B 103 -3.45 -14.92 7.92
CB MSE B 103 -1.85 -13.25 5.56
CG MSE B 103 -2.07 -12.16 4.49
SE MSE B 103 -3.94 -11.49 4.46
CE MSE B 103 -4.68 -13.13 3.66
N GLU B 104 -1.26 -14.61 8.35
CA GLU B 104 -1.17 -15.72 9.30
C GLU B 104 -2.11 -15.52 10.49
N LYS B 105 -2.17 -14.29 11.01
CA LYS B 105 -3.09 -13.97 12.11
C LYS B 105 -4.57 -14.09 11.67
N ASN B 106 -4.84 -13.63 10.45
CA ASN B 106 -6.15 -13.70 9.84
C ASN B 106 -6.62 -15.14 9.65
N GLU B 107 -5.69 -16.01 9.25
CA GLU B 107 -5.96 -17.43 9.08
C GLU B 107 -6.45 -18.08 10.36
N ARG B 108 -5.92 -17.67 11.51
CA ARG B 108 -6.33 -18.26 12.79
CA ARG B 108 -6.31 -18.24 12.80
C ARG B 108 -7.43 -17.46 13.48
N LYS B 109 -7.80 -16.32 12.90
CA LYS B 109 -8.98 -15.59 13.38
C LYS B 109 -10.17 -16.15 12.61
N TYR B 110 -10.07 -16.13 11.28
CA TYR B 110 -11.10 -16.62 10.36
C TYR B 110 -10.77 -18.01 9.80
N PRO B 111 -11.08 -19.07 10.55
CA PRO B 111 -10.71 -20.41 10.11
C PRO B 111 -11.66 -20.95 9.05
N LYS B 112 -11.21 -21.95 8.30
CA LYS B 112 -12.00 -22.62 7.28
C LYS B 112 -13.02 -23.58 7.91
MG MG C . -6.27 -2.64 10.87
CL CL D . 7.14 -10.98 -8.46
MG MG E . -2.42 11.47 -5.79
O1 PG4 F . -19.56 -6.13 -11.32
C1 PG4 F . -20.18 -7.17 -10.56
C2 PG4 F . -20.00 -7.02 -9.05
O2 PG4 F . -18.63 -7.20 -8.65
C3 PG4 F . -18.49 -7.96 -7.44
C4 PG4 F . -17.01 -7.98 -7.04
O3 PG4 F . -16.29 -8.57 -8.12
C5 PG4 F . -14.89 -8.74 -7.87
C6 PG4 F . -14.28 -9.52 -9.04
O4 PG4 F . -14.30 -8.72 -10.24
C7 PG4 F . -13.39 -9.15 -11.25
C8 PG4 F . -13.58 -8.35 -12.54
O5 PG4 F . -14.96 -7.97 -12.73
C1 PGE G . -20.25 -15.12 -13.21
O1 PGE G . -20.53 -14.40 -12.00
C2 PGE G . -21.15 -14.65 -14.34
O2 PGE G . -20.98 -13.24 -14.51
C3 PGE G . -21.22 -12.80 -15.86
C4 PGE G . -22.53 -12.02 -15.93
O4 PGE G . -23.30 -9.12 -12.90
C6 PGE G . -23.07 -8.78 -14.28
C5 PGE G . -23.48 -9.98 -15.13
O3 PGE G . -22.43 -10.95 -15.00
NA NA H . -20.82 -11.27 -12.10
NA NA I . -17.25 -8.77 -11.19
#